data_1CR1
#
_entry.id   1CR1
#
_cell.length_a   80.653
_cell.length_b   80.653
_cell.length_c   86.042
_cell.angle_alpha   90.00
_cell.angle_beta   90.00
_cell.angle_gamma   120.00
#
_symmetry.space_group_name_H-M   'P 61'
#
loop_
_entity.id
_entity.type
_entity.pdbx_description
1 polymer 'DNA PRIMASE/HELICASE'
2 non-polymer 'SULFATE ION'
3 non-polymer "THYMIDINE-5'-TRIPHOSPHATE"
4 water water
#
_entity_poly.entity_id   1
_entity_poly.type   'polypeptide(L)'
_entity_poly.pdbx_seq_one_letter_code
;MRERIREHLSSEESVGLLFSGCTGINDKTLGARGGEVIMVTSGSGMGKSTFVRQQALQWGTAMGKKVGLAMLEESVEETA
EDLIGLHNRVRLRQSDSLKREIIENGKFDQWFDELFGNDTFHLYDSFAEAETDRLLAKLAYMRSGLGCDVIILDHISIVV
SASGESDERKMIDNLMTKLKGFAKSTGVVLVVICHLKNPDKGKAHEEGRPVSITDLRGSGALRQLSDTIIALERNQQGDM
PNLVLVRILKCRFTGDTGIAGYMEYNKETGWLEPSSYSGEEESHSESTDWSNDTDF
;
_entity_poly.pdbx_strand_id   A
#
# COMPACT_ATOMS: atom_id res chain seq x y z
N MET A 1 -10.60 25.96 27.95
CA MET A 1 -10.93 24.67 27.31
C MET A 1 -11.72 24.92 26.03
N ARG A 2 -12.73 25.78 26.14
CA ARG A 2 -13.56 26.15 25.02
C ARG A 2 -12.70 26.42 23.76
N GLU A 3 -11.88 27.49 23.84
CA GLU A 3 -10.97 27.86 22.74
C GLU A 3 -10.05 26.69 22.42
N ARG A 4 -9.67 26.00 23.50
CA ARG A 4 -8.81 24.85 23.47
C ARG A 4 -9.44 23.70 22.64
N ILE A 5 -10.75 23.50 22.81
CA ILE A 5 -11.51 22.47 22.11
C ILE A 5 -11.73 22.89 20.66
N ARG A 6 -12.19 24.14 20.50
CA ARG A 6 -12.47 24.75 19.21
C ARG A 6 -11.35 24.53 18.20
N GLU A 7 -10.18 25.13 18.47
CA GLU A 7 -9.05 24.98 17.58
C GLU A 7 -8.72 23.50 17.41
N HIS A 8 -8.90 22.73 18.49
CA HIS A 8 -8.66 21.29 18.46
C HIS A 8 -9.58 20.67 17.40
N LEU A 9 -10.85 21.09 17.44
CA LEU A 9 -11.87 20.64 16.51
C LEU A 9 -11.50 21.05 15.08
N SER A 10 -11.15 22.33 14.89
CA SER A 10 -10.83 22.85 13.56
C SER A 10 -9.43 22.49 13.02
N SER A 11 -8.65 21.74 13.80
CA SER A 11 -7.28 21.36 13.40
C SER A 11 -7.09 19.86 13.16
N GLU A 12 -8.07 19.08 13.56
CA GLU A 12 -8.06 17.62 13.47
C GLU A 12 -8.41 17.09 12.07
N GLU A 13 -7.50 16.23 11.53
CA GLU A 13 -7.67 15.63 10.20
C GLU A 13 -8.27 14.22 10.29
N SER A 14 -9.60 14.15 10.16
CA SER A 14 -10.28 12.87 10.28
C SER A 14 -10.12 11.98 9.05
N VAL A 15 -10.34 12.58 7.87
CA VAL A 15 -10.25 11.88 6.59
C VAL A 15 -8.82 11.90 6.01
N GLY A 16 -8.19 10.74 5.86
CA GLY A 16 -6.82 10.64 5.32
C GLY A 16 -6.81 10.48 3.79
N LEU A 17 -5.81 9.77 3.31
CA LEU A 17 -5.69 9.49 1.89
C LEU A 17 -6.78 8.50 1.52
N LEU A 18 -7.67 8.91 0.67
CA LEU A 18 -8.77 8.04 0.27
C LEU A 18 -8.28 6.86 -0.56
N PHE A 19 -8.87 5.67 -0.32
CA PHE A 19 -8.52 4.45 -1.08
C PHE A 19 -9.28 4.46 -2.41
N SER A 20 -8.97 3.54 -3.33
CA SER A 20 -9.65 3.52 -4.65
C SER A 20 -10.03 2.13 -5.10
N GLY A 21 -11.06 2.05 -5.93
CA GLY A 21 -11.52 0.79 -6.53
C GLY A 21 -12.55 0.02 -5.74
N CYS A 22 -12.67 0.28 -4.45
CA CYS A 22 -13.62 -0.45 -3.65
C CYS A 22 -14.65 0.46 -3.00
N THR A 23 -15.84 0.52 -3.58
CA THR A 23 -16.90 1.35 -3.02
C THR A 23 -17.27 0.87 -1.59
N GLY A 24 -16.98 1.67 -0.59
CA GLY A 24 -17.30 1.33 0.80
C GLY A 24 -16.07 1.31 1.72
N ILE A 25 -14.90 1.10 1.15
CA ILE A 25 -13.67 1.04 1.95
C ILE A 25 -13.48 2.34 2.74
N ASN A 26 -13.70 3.49 2.08
CA ASN A 26 -13.57 4.82 2.71
C ASN A 26 -14.66 5.08 3.73
N ASP A 27 -15.80 4.38 3.58
CA ASP A 27 -16.91 4.55 4.49
C ASP A 27 -16.50 4.05 5.87
N LYS A 28 -15.95 2.84 5.90
CA LYS A 28 -15.59 2.16 7.13
C LYS A 28 -14.24 2.55 7.68
N THR A 29 -13.45 3.33 6.93
CA THR A 29 -12.10 3.71 7.40
C THR A 29 -11.80 5.19 7.35
N LEU A 30 -12.45 5.90 6.44
CA LEU A 30 -12.23 7.34 6.23
C LEU A 30 -10.83 7.61 5.66
N GLY A 31 -10.27 6.65 4.91
CA GLY A 31 -8.97 6.81 4.24
C GLY A 31 -7.80 6.52 5.17
N ALA A 32 -6.59 6.78 4.65
CA ALA A 32 -5.35 6.57 5.38
C ALA A 32 -4.78 7.89 5.93
N ARG A 33 -4.67 7.96 7.24
CA ARG A 33 -4.14 9.15 7.91
C ARG A 33 -2.64 9.01 8.19
N GLY A 34 -1.94 10.13 8.25
CA GLY A 34 -0.50 10.11 8.51
C GLY A 34 -0.23 9.66 9.95
N GLY A 35 0.79 8.85 10.13
CA GLY A 35 1.18 8.37 11.46
C GLY A 35 0.59 7.00 11.76
N GLU A 36 -0.29 6.53 10.85
CA GLU A 36 -0.94 5.23 11.03
C GLU A 36 -0.27 4.18 10.18
N VAL A 37 -0.40 2.94 10.62
CA VAL A 37 0.16 1.79 9.93
C VAL A 37 -1.00 0.96 9.39
N ILE A 38 -1.08 0.88 8.07
CA ILE A 38 -2.14 0.10 7.44
C ILE A 38 -1.59 -1.25 7.09
N MET A 39 -2.29 -2.27 7.51
CA MET A 39 -1.85 -3.63 7.24
C MET A 39 -2.81 -4.25 6.24
N VAL A 40 -2.26 -4.71 5.15
CA VAL A 40 -3.04 -5.34 4.11
C VAL A 40 -2.60 -6.80 4.05
N THR A 41 -3.51 -7.70 4.36
CA THR A 41 -3.16 -9.11 4.42
C THR A 41 -4.16 -9.99 3.71
N SER A 42 -3.78 -11.24 3.51
CA SER A 42 -4.60 -12.23 2.82
C SER A 42 -3.73 -13.42 2.41
N GLY A 43 -4.32 -14.39 1.72
CA GLY A 43 -3.55 -15.55 1.30
C GLY A 43 -2.59 -15.19 0.15
N SER A 44 -1.55 -15.99 -0.02
CA SER A 44 -0.59 -15.77 -1.09
C SER A 44 -1.31 -15.81 -2.45
N GLY A 45 -0.97 -14.88 -3.34
CA GLY A 45 -1.57 -14.79 -4.68
C GLY A 45 -3.04 -14.32 -4.67
N MET A 46 -3.51 -13.86 -3.52
CA MET A 46 -4.89 -13.37 -3.36
C MET A 46 -5.10 -11.93 -3.85
N GLY A 47 -4.01 -11.24 -4.28
CA GLY A 47 -4.11 -9.87 -4.83
C GLY A 47 -3.64 -8.72 -3.90
N LYS A 48 -2.85 -9.04 -2.90
CA LYS A 48 -2.36 -8.03 -1.98
C LYS A 48 -1.60 -6.90 -2.67
N SER A 49 -0.53 -7.26 -3.39
CA SER A 49 0.33 -6.29 -4.08
C SER A 49 -0.41 -5.47 -5.11
N THR A 50 -1.25 -6.12 -5.89
CA THR A 50 -2.00 -5.41 -6.90
C THR A 50 -2.77 -4.27 -6.24
N PHE A 51 -3.57 -4.65 -5.25
CA PHE A 51 -4.39 -3.74 -4.47
C PHE A 51 -3.59 -2.55 -3.95
N VAL A 52 -2.47 -2.85 -3.31
CA VAL A 52 -1.62 -1.81 -2.76
C VAL A 52 -1.02 -0.96 -3.88
N ARG A 53 -0.53 -1.62 -4.94
CA ARG A 53 0.08 -0.93 -6.10
C ARG A 53 -0.90 0.04 -6.71
N GLN A 54 -2.16 -0.38 -6.75
CA GLN A 54 -3.20 0.44 -7.31
C GLN A 54 -3.37 1.70 -6.50
N GLN A 55 -3.35 1.55 -5.16
CA GLN A 55 -3.50 2.68 -4.25
C GLN A 55 -2.33 3.62 -4.41
N ALA A 56 -1.15 3.02 -4.57
CA ALA A 56 0.09 3.77 -4.75
C ALA A 56 0.00 4.64 -5.99
N LEU A 57 -0.40 4.01 -7.10
CA LEU A 57 -0.54 4.64 -8.39
C LEU A 57 -1.44 5.89 -8.31
N GLN A 58 -2.62 5.72 -7.74
CA GLN A 58 -3.57 6.83 -7.60
C GLN A 58 -3.04 7.93 -6.68
N TRP A 59 -2.49 7.52 -5.53
CA TRP A 59 -1.96 8.47 -4.56
C TRP A 59 -0.88 9.36 -5.17
N GLY A 60 0.12 8.74 -5.78
CA GLY A 60 1.24 9.44 -6.38
C GLY A 60 0.86 10.13 -7.69
N THR A 61 -0.13 9.56 -8.37
CA THR A 61 -0.57 10.08 -9.67
C THR A 61 -1.66 11.16 -9.61
N ALA A 62 -2.76 10.85 -8.92
CA ALA A 62 -3.90 11.77 -8.83
C ALA A 62 -3.91 12.65 -7.60
N MET A 63 -3.53 12.09 -6.45
CA MET A 63 -3.53 12.83 -5.20
C MET A 63 -2.29 13.71 -5.06
N GLY A 64 -1.38 13.62 -6.05
CA GLY A 64 -0.17 14.41 -6.10
C GLY A 64 0.72 14.17 -4.89
N LYS A 65 0.81 12.91 -4.47
CA LYS A 65 1.65 12.54 -3.32
C LYS A 65 2.93 11.84 -3.79
N LYS A 66 3.93 11.81 -2.91
CA LYS A 66 5.21 11.14 -3.19
C LYS A 66 5.14 9.77 -2.53
N VAL A 67 5.28 8.73 -3.32
CA VAL A 67 5.17 7.37 -2.80
C VAL A 67 6.46 6.57 -2.89
N GLY A 68 6.92 6.10 -1.74
CA GLY A 68 8.11 5.28 -1.67
C GLY A 68 7.65 3.83 -1.59
N LEU A 69 8.33 2.97 -2.31
CA LEU A 69 7.98 1.55 -2.31
C LEU A 69 9.21 0.73 -1.99
N ALA A 70 9.18 0.06 -0.83
CA ALA A 70 10.30 -0.77 -0.42
C ALA A 70 9.95 -2.24 -0.61
N MET A 71 10.63 -2.88 -1.56
CA MET A 71 10.38 -4.30 -1.86
C MET A 71 11.42 -5.24 -1.22
N LEU A 72 10.95 -6.15 -0.36
CA LEU A 72 11.83 -7.08 0.35
C LEU A 72 12.08 -8.36 -0.47
N GLU A 73 11.03 -8.77 -1.17
CA GLU A 73 11.02 -9.99 -1.97
C GLU A 73 11.49 -9.80 -3.42
N GLU A 74 10.77 -9.00 -4.21
CA GLU A 74 11.12 -8.80 -5.62
C GLU A 74 11.97 -7.56 -5.92
N SER A 75 12.42 -7.50 -7.18
CA SER A 75 13.29 -6.44 -7.68
C SER A 75 12.53 -5.19 -8.15
N VAL A 76 13.29 -4.11 -8.34
CA VAL A 76 12.76 -2.81 -8.78
C VAL A 76 12.19 -2.88 -10.21
N GLU A 77 12.90 -3.59 -11.08
CA GLU A 77 12.48 -3.74 -12.47
C GLU A 77 11.11 -4.39 -12.50
N GLU A 78 10.96 -5.45 -11.70
CA GLU A 78 9.71 -6.19 -11.59
C GLU A 78 8.60 -5.20 -11.18
N THR A 79 8.84 -4.48 -10.06
CA THR A 79 7.90 -3.49 -9.56
C THR A 79 7.58 -2.43 -10.60
N ALA A 80 8.62 -1.92 -11.27
CA ALA A 80 8.45 -0.89 -12.29
C ALA A 80 7.59 -1.40 -13.43
N GLU A 81 7.88 -2.63 -13.84
CA GLU A 81 7.15 -3.25 -14.91
C GLU A 81 5.66 -3.30 -14.57
N ASP A 82 5.37 -3.68 -13.31
CA ASP A 82 4.02 -3.77 -12.80
C ASP A 82 3.30 -2.42 -12.82
N LEU A 83 3.96 -1.36 -12.30
CA LEU A 83 3.37 -0.02 -12.26
C LEU A 83 3.09 0.54 -13.64
N ILE A 84 4.06 0.35 -14.55
CA ILE A 84 3.97 0.82 -15.94
C ILE A 84 2.77 0.20 -16.65
N GLY A 85 2.62 -1.12 -16.49
CA GLY A 85 1.52 -1.84 -17.11
C GLY A 85 0.21 -1.32 -16.54
N LEU A 86 0.15 -1.30 -15.21
CA LEU A 86 -0.99 -0.82 -14.44
C LEU A 86 -1.38 0.56 -14.95
N HIS A 87 -0.40 1.43 -14.98
CA HIS A 87 -0.59 2.80 -15.42
C HIS A 87 -1.13 2.85 -16.84
N ASN A 88 -0.72 1.87 -17.65
CA ASN A 88 -1.15 1.80 -19.06
C ASN A 88 -2.21 0.75 -19.31
N ARG A 89 -2.84 0.33 -18.23
CA ARG A 89 -3.92 -0.65 -18.24
C ARG A 89 -3.63 -1.88 -19.09
N VAL A 90 -2.37 -2.34 -19.08
CA VAL A 90 -1.95 -3.55 -19.80
C VAL A 90 -1.06 -4.39 -18.89
N ARG A 91 -1.04 -5.69 -19.14
CA ARG A 91 -0.23 -6.61 -18.34
C ARG A 91 1.04 -7.03 -19.08
N LEU A 92 2.09 -6.24 -18.91
CA LEU A 92 3.37 -6.46 -19.58
C LEU A 92 3.93 -7.87 -19.38
N ARG A 93 3.82 -8.37 -18.17
CA ARG A 93 4.34 -9.69 -17.79
C ARG A 93 3.67 -10.84 -18.52
N GLN A 94 2.44 -10.63 -18.97
CA GLN A 94 1.71 -11.72 -19.63
C GLN A 94 1.87 -11.74 -21.14
N SER A 95 2.42 -10.67 -21.68
CA SER A 95 2.55 -10.54 -23.11
C SER A 95 3.98 -10.40 -23.59
N ASP A 96 4.56 -11.49 -24.08
CA ASP A 96 5.92 -11.44 -24.61
C ASP A 96 5.94 -10.50 -25.82
N SER A 97 4.78 -10.44 -26.48
CA SER A 97 4.57 -9.63 -27.66
C SER A 97 4.57 -8.13 -27.32
N LEU A 98 3.72 -7.74 -26.37
CA LEU A 98 3.60 -6.36 -25.96
C LEU A 98 4.95 -5.80 -25.51
N LYS A 99 5.64 -6.57 -24.68
CA LYS A 99 6.94 -6.15 -24.17
C LYS A 99 7.88 -5.79 -25.30
N ARG A 100 7.91 -6.67 -26.30
CA ARG A 100 8.76 -6.54 -27.47
C ARG A 100 8.29 -5.37 -28.35
N GLU A 101 6.99 -5.32 -28.62
CA GLU A 101 6.38 -4.27 -29.43
C GLU A 101 6.61 -2.86 -28.81
N ILE A 102 6.36 -2.74 -27.50
CA ILE A 102 6.49 -1.47 -26.77
C ILE A 102 7.92 -0.88 -26.76
N ILE A 103 8.94 -1.74 -26.76
CA ILE A 103 10.33 -1.29 -26.73
C ILE A 103 10.77 -0.66 -28.05
N GLU A 104 10.52 -1.36 -29.16
CA GLU A 104 10.88 -0.84 -30.49
C GLU A 104 9.92 0.29 -30.88
N ASN A 105 8.67 0.19 -30.41
CA ASN A 105 7.58 1.16 -30.63
C ASN A 105 7.99 2.55 -30.13
N GLY A 106 8.72 2.57 -29.02
CA GLY A 106 9.18 3.80 -28.39
C GLY A 106 8.24 4.12 -27.23
N LYS A 107 7.15 3.32 -27.12
CA LYS A 107 6.13 3.51 -26.07
C LYS A 107 6.70 3.21 -24.69
N PHE A 108 7.71 2.34 -24.61
CA PHE A 108 8.30 2.05 -23.32
C PHE A 108 8.83 3.33 -22.72
N ASP A 109 9.80 3.94 -23.40
CA ASP A 109 10.40 5.18 -22.98
C ASP A 109 9.36 6.26 -22.68
N GLN A 110 8.36 6.39 -23.56
CA GLN A 110 7.29 7.38 -23.38
C GLN A 110 6.53 7.08 -22.10
N TRP A 111 6.32 5.78 -21.84
CA TRP A 111 5.62 5.31 -20.67
C TRP A 111 6.48 5.52 -19.43
N PHE A 112 7.75 5.19 -19.54
CA PHE A 112 8.69 5.34 -18.44
C PHE A 112 8.69 6.78 -17.89
N ASP A 113 8.87 7.77 -18.78
CA ASP A 113 8.92 9.20 -18.37
C ASP A 113 7.56 9.70 -17.89
N GLU A 114 6.52 9.33 -18.60
CA GLU A 114 5.18 9.78 -18.23
C GLU A 114 4.77 9.26 -16.84
N LEU A 115 5.62 8.40 -16.23
CA LEU A 115 5.33 7.82 -14.91
C LEU A 115 6.40 8.16 -13.87
N PHE A 116 7.68 7.90 -14.20
CA PHE A 116 8.82 8.16 -13.32
C PHE A 116 9.60 9.41 -13.70
N GLY A 117 9.16 10.12 -14.76
CA GLY A 117 9.85 11.33 -15.24
C GLY A 117 9.95 12.33 -14.11
N ASN A 118 8.86 12.42 -13.37
CA ASN A 118 8.71 13.29 -12.23
C ASN A 118 9.34 12.63 -11.00
N ASP A 119 9.36 13.38 -9.90
CA ASP A 119 9.96 12.89 -8.67
C ASP A 119 8.92 12.30 -7.71
N THR A 120 7.87 11.73 -8.27
CA THR A 120 6.78 11.19 -7.47
C THR A 120 6.95 9.78 -6.85
N PHE A 121 7.43 8.80 -7.62
CA PHE A 121 7.63 7.44 -7.11
C PHE A 121 9.08 7.12 -6.76
N HIS A 122 9.27 6.46 -5.61
CA HIS A 122 10.60 6.06 -5.15
C HIS A 122 10.66 4.56 -4.81
N LEU A 123 11.15 3.78 -5.76
CA LEU A 123 11.24 2.33 -5.58
C LEU A 123 12.59 1.90 -5.03
N TYR A 124 12.58 1.11 -3.96
CA TYR A 124 13.83 0.60 -3.37
C TYR A 124 13.73 -0.88 -3.09
N ASP A 125 14.75 -1.61 -3.50
CA ASP A 125 14.79 -3.05 -3.26
C ASP A 125 16.07 -3.41 -2.53
N SER A 126 16.42 -4.68 -2.52
CA SER A 126 17.64 -5.05 -1.86
C SER A 126 17.67 -4.67 -0.39
N PHE A 127 16.82 -5.39 0.32
CA PHE A 127 16.64 -5.37 1.76
C PHE A 127 16.54 -6.86 2.12
N ALA A 128 17.05 -7.67 1.17
CA ALA A 128 17.06 -9.14 1.22
C ALA A 128 17.57 -9.61 2.56
N GLU A 129 18.36 -8.73 3.16
CA GLU A 129 18.95 -8.94 4.43
C GLU A 129 17.87 -8.87 5.52
N ALA A 130 18.00 -9.71 6.55
CA ALA A 130 16.99 -9.78 7.62
C ALA A 130 17.24 -8.79 8.76
N GLU A 131 17.87 -7.64 8.45
CA GLU A 131 18.14 -6.61 9.47
C GLU A 131 17.16 -5.44 9.44
N THR A 132 16.50 -5.27 10.56
CA THR A 132 15.48 -4.26 10.77
C THR A 132 16.03 -2.84 10.65
N ASP A 133 17.03 -2.52 11.48
CA ASP A 133 17.65 -1.20 11.52
C ASP A 133 18.16 -0.76 10.14
N ARG A 134 18.73 -1.69 9.39
CA ARG A 134 19.20 -1.39 8.06
C ARG A 134 17.96 -0.92 7.27
N LEU A 135 16.84 -1.60 7.54
CA LEU A 135 15.56 -1.35 6.91
C LEU A 135 14.95 0.00 7.37
N LEU A 136 14.92 0.24 8.70
CA LEU A 136 14.40 1.48 9.28
C LEU A 136 15.18 2.70 8.79
N ALA A 137 16.48 2.54 8.64
CA ALA A 137 17.33 3.63 8.22
C ALA A 137 16.97 4.06 6.80
N LYS A 138 16.67 3.08 5.93
CA LYS A 138 16.29 3.36 4.54
C LYS A 138 14.91 4.03 4.51
N LEU A 139 14.00 3.50 5.32
CA LEU A 139 12.65 4.04 5.40
C LEU A 139 12.69 5.49 5.83
N ALA A 140 13.46 5.75 6.90
CA ALA A 140 13.61 7.09 7.45
C ALA A 140 14.16 8.06 6.39
N TYR A 141 15.02 7.54 5.52
CA TYR A 141 15.61 8.35 4.47
C TYR A 141 14.55 8.66 3.39
N MET A 142 13.74 7.67 3.06
CA MET A 142 12.69 7.83 2.07
C MET A 142 11.74 8.96 2.52
N ARG A 143 11.50 9.02 3.84
CA ARG A 143 10.63 10.00 4.47
C ARG A 143 11.25 11.40 4.44
N SER A 144 12.40 11.52 5.12
CA SER A 144 13.14 12.77 5.26
C SER A 144 13.83 13.22 3.97
N GLY A 145 14.72 12.40 3.44
CA GLY A 145 15.47 12.72 2.24
C GLY A 145 14.61 12.91 0.99
N LEU A 146 13.78 11.91 0.68
CA LEU A 146 12.94 11.95 -0.55
C LEU A 146 11.54 12.53 -0.33
N GLY A 147 11.21 12.90 0.91
CA GLY A 147 9.91 13.49 1.26
C GLY A 147 8.69 12.64 0.88
N CYS A 148 8.81 11.31 0.99
CA CYS A 148 7.70 10.40 0.67
C CYS A 148 6.53 10.62 1.60
N ASP A 149 5.33 10.72 1.05
CA ASP A 149 4.11 10.91 1.86
C ASP A 149 3.61 9.54 2.38
N VAL A 150 3.78 8.53 1.53
CA VAL A 150 3.34 7.19 1.80
C VAL A 150 4.47 6.21 1.53
N ILE A 151 4.64 5.25 2.43
CA ILE A 151 5.67 4.24 2.27
C ILE A 151 5.03 2.86 2.34
N ILE A 152 5.27 2.08 1.31
CA ILE A 152 4.72 0.75 1.22
C ILE A 152 5.81 -0.29 1.43
N LEU A 153 5.62 -1.13 2.44
CA LEU A 153 6.58 -2.18 2.76
C LEU A 153 6.07 -3.50 2.23
N ASP A 154 6.72 -3.98 1.21
CA ASP A 154 6.30 -5.21 0.55
C ASP A 154 7.46 -6.22 0.48
N HIS A 155 7.40 -7.31 1.23
CA HIS A 155 6.31 -7.65 2.13
C HIS A 155 6.87 -8.31 3.39
N ILE A 156 5.98 -8.81 4.19
CA ILE A 156 6.35 -9.46 5.41
C ILE A 156 5.44 -10.65 5.62
N SER A 157 6.02 -11.68 6.16
CA SER A 157 5.28 -12.91 6.43
C SER A 157 5.38 -13.14 7.92
N ILE A 158 4.36 -13.77 8.51
CA ILE A 158 4.40 -14.04 9.95
C ILE A 158 5.41 -15.17 10.23
N ARG A 169 8.03 -14.34 16.94
CA ARG A 169 9.41 -13.97 17.33
C ARG A 169 9.47 -12.45 17.55
N LYS A 170 10.70 -11.92 17.56
CA LYS A 170 10.91 -10.49 17.76
C LYS A 170 11.14 -9.77 16.44
N MET A 171 11.75 -10.47 15.46
CA MET A 171 11.99 -9.88 14.16
C MET A 171 10.73 -9.11 13.71
N ILE A 172 9.61 -9.82 13.65
CA ILE A 172 8.32 -9.24 13.28
C ILE A 172 7.78 -8.34 14.41
N ASP A 173 7.78 -8.87 15.63
CA ASP A 173 7.32 -8.17 16.84
C ASP A 173 8.03 -6.80 16.97
N ASN A 174 9.35 -6.85 17.05
CA ASN A 174 10.23 -5.70 17.22
C ASN A 174 10.16 -4.76 16.00
N LEU A 175 10.07 -5.35 14.79
CA LEU A 175 9.98 -4.60 13.55
C LEU A 175 8.65 -3.83 13.52
N MET A 176 7.57 -4.54 13.83
CA MET A 176 6.24 -3.95 13.88
C MET A 176 6.22 -2.78 14.85
N THR A 177 6.93 -2.95 15.96
CA THR A 177 7.01 -1.91 16.98
C THR A 177 7.88 -0.76 16.51
N LYS A 178 8.92 -1.08 15.73
CA LYS A 178 9.80 -0.05 15.16
C LYS A 178 9.04 0.69 14.05
N LEU A 179 8.35 -0.09 13.20
CA LEU A 179 7.56 0.45 12.10
C LEU A 179 6.53 1.45 12.62
N LYS A 180 5.73 0.99 13.58
CA LYS A 180 4.69 1.83 14.17
C LYS A 180 5.28 3.10 14.79
N GLY A 181 6.46 2.97 15.40
CA GLY A 181 7.18 4.11 16.03
C GLY A 181 7.58 5.16 14.98
N PHE A 182 8.10 4.66 13.86
CA PHE A 182 8.56 5.46 12.75
C PHE A 182 7.38 6.22 12.12
N ALA A 183 6.27 5.52 11.90
CA ALA A 183 5.08 6.15 11.32
C ALA A 183 4.49 7.22 12.24
N LYS A 184 4.34 6.88 13.51
CA LYS A 184 3.76 7.79 14.48
C LYS A 184 4.60 9.06 14.67
N SER A 185 5.91 8.92 14.74
CA SER A 185 6.76 10.07 14.98
C SER A 185 6.94 10.97 13.76
N THR A 186 6.99 10.37 12.57
CA THR A 186 7.17 11.13 11.33
C THR A 186 5.86 11.62 10.77
N GLY A 187 4.84 10.79 10.85
CA GLY A 187 3.53 11.15 10.35
C GLY A 187 3.32 10.66 8.91
N VAL A 188 4.25 9.85 8.41
CA VAL A 188 4.11 9.30 7.07
C VAL A 188 3.03 8.23 7.13
N VAL A 189 2.51 7.83 5.97
CA VAL A 189 1.53 6.75 5.97
C VAL A 189 2.28 5.50 5.60
N LEU A 190 2.28 4.53 6.50
CA LEU A 190 3.02 3.31 6.24
C LEU A 190 2.08 2.13 6.01
N VAL A 191 2.12 1.59 4.80
CA VAL A 191 1.28 0.45 4.46
C VAL A 191 2.16 -0.78 4.39
N VAL A 192 1.80 -1.78 5.14
CA VAL A 192 2.60 -2.98 5.17
C VAL A 192 1.81 -4.16 4.65
N ILE A 193 2.43 -4.93 3.78
CA ILE A 193 1.81 -6.11 3.21
C ILE A 193 2.32 -7.34 3.95
N CYS A 194 1.42 -8.11 4.57
CA CYS A 194 1.82 -9.29 5.35
C CYS A 194 1.17 -10.58 4.84
N HIS A 195 1.94 -11.68 4.79
CA HIS A 195 1.41 -12.94 4.33
C HIS A 195 0.77 -13.76 5.44
N LEU A 196 -0.47 -14.19 5.20
CA LEU A 196 -1.24 -14.97 6.16
C LEU A 196 -1.41 -16.41 5.71
N LYS A 197 -0.67 -17.31 6.34
CA LYS A 197 -0.82 -18.74 6.03
C LYS A 197 -1.50 -19.47 7.20
N THR A 214 -8.99 -14.34 9.23
CA THR A 214 -9.56 -13.76 10.46
C THR A 214 -8.48 -12.90 11.19
N ASP A 215 -8.89 -12.24 12.27
CA ASP A 215 -8.03 -11.33 13.04
C ASP A 215 -6.78 -12.02 13.61
N LEU A 216 -6.98 -13.21 14.22
CA LEU A 216 -5.93 -14.01 14.87
C LEU A 216 -4.91 -14.56 13.88
N ARG A 217 -5.35 -14.69 12.62
CA ARG A 217 -4.53 -15.22 11.54
C ARG A 217 -3.14 -14.58 11.46
N GLY A 218 -2.97 -13.45 12.19
CA GLY A 218 -1.69 -12.72 12.26
C GLY A 218 -0.88 -13.03 13.53
N SER A 219 -0.51 -11.96 14.26
CA SER A 219 0.28 -12.08 15.51
C SER A 219 0.17 -10.83 16.40
N GLY A 220 0.67 -10.93 17.65
CA GLY A 220 0.62 -9.85 18.64
C GLY A 220 0.78 -8.46 18.00
N ALA A 221 2.02 -7.99 17.94
CA ALA A 221 2.31 -6.67 17.37
C ALA A 221 1.62 -6.45 16.02
N LEU A 222 1.61 -7.50 15.18
CA LEU A 222 0.98 -7.41 13.86
C LEU A 222 -0.42 -6.83 13.96
N ARG A 223 -1.21 -7.42 14.84
CA ARG A 223 -2.59 -7.00 15.05
C ARG A 223 -2.66 -5.71 15.91
N GLN A 224 -1.86 -5.70 16.97
CA GLN A 224 -1.78 -4.62 17.96
C GLN A 224 -1.32 -3.24 17.42
N LEU A 225 -0.14 -3.16 16.81
CA LEU A 225 0.44 -1.91 16.30
C LEU A 225 -0.24 -1.35 15.07
N SER A 226 -0.73 -2.25 14.22
CA SER A 226 -1.42 -1.85 13.00
C SER A 226 -2.66 -1.05 13.37
N ASP A 227 -2.83 0.08 12.70
CA ASP A 227 -3.99 0.95 12.96
C ASP A 227 -5.24 0.47 12.23
N THR A 228 -5.05 0.07 10.97
CA THR A 228 -6.10 -0.44 10.13
C THR A 228 -5.62 -1.67 9.44
N ILE A 229 -6.44 -2.71 9.46
CA ILE A 229 -6.10 -3.98 8.84
C ILE A 229 -7.13 -4.35 7.80
N ILE A 230 -6.64 -4.53 6.58
CA ILE A 230 -7.49 -4.88 5.48
C ILE A 230 -7.17 -6.27 4.99
N ALA A 231 -8.20 -7.08 4.80
CA ALA A 231 -8.02 -8.44 4.32
C ALA A 231 -8.82 -8.67 3.04
N LEU A 232 -8.17 -9.29 2.07
CA LEU A 232 -8.82 -9.59 0.80
C LEU A 232 -9.18 -11.07 0.77
N GLU A 233 -10.38 -11.40 0.34
CA GLU A 233 -10.80 -12.79 0.32
C GLU A 233 -11.29 -13.23 -1.04
N ARG A 234 -10.94 -14.45 -1.42
CA ARG A 234 -11.33 -14.89 -2.75
C ARG A 234 -11.76 -16.36 -2.90
N ASN A 235 -12.99 -16.50 -3.42
CA ASN A 235 -13.70 -17.75 -3.85
C ASN A 235 -13.71 -19.07 -3.05
N GLN A 236 -12.90 -19.27 -1.99
CA GLN A 236 -12.88 -20.62 -1.36
C GLN A 236 -13.47 -20.76 0.04
N LEU A 243 -13.65 -12.40 -8.24
CA LEU A 243 -14.28 -11.47 -7.26
C LEU A 243 -13.61 -11.60 -5.90
N VAL A 244 -13.17 -10.46 -5.38
CA VAL A 244 -12.47 -10.41 -4.11
C VAL A 244 -13.25 -9.62 -3.07
N LEU A 245 -13.45 -10.25 -1.91
CA LEU A 245 -14.15 -9.63 -0.80
C LEU A 245 -13.17 -8.82 0.04
N VAL A 246 -13.49 -7.54 0.26
CA VAL A 246 -12.63 -6.63 1.04
C VAL A 246 -13.19 -6.47 2.45
N ARG A 247 -12.48 -7.07 3.38
CA ARG A 247 -12.88 -7.09 4.77
C ARG A 247 -12.01 -6.20 5.63
N ILE A 248 -12.67 -5.35 6.41
CA ILE A 248 -11.97 -4.43 7.32
C ILE A 248 -11.90 -5.06 8.71
N LEU A 249 -10.83 -5.83 8.94
CA LEU A 249 -10.63 -6.55 10.21
C LEU A 249 -10.41 -5.64 11.42
N LYS A 250 -9.97 -4.42 11.17
CA LYS A 250 -9.68 -3.50 12.26
C LYS A 250 -9.37 -2.08 11.77
N CYS A 251 -9.93 -1.11 12.49
CA CYS A 251 -9.77 0.32 12.21
C CYS A 251 -9.92 1.10 13.53
N ARG A 252 -8.79 1.37 14.18
CA ARG A 252 -8.75 2.06 15.46
C ARG A 252 -9.55 3.35 15.45
N PHE A 253 -9.15 4.24 14.57
CA PHE A 253 -9.73 5.56 14.41
C PHE A 253 -11.25 5.53 14.31
N THR A 254 -11.77 4.65 13.47
CA THR A 254 -13.20 4.57 13.23
C THR A 254 -13.92 3.51 14.04
N GLY A 255 -13.26 2.38 14.28
CA GLY A 255 -13.84 1.26 15.04
C GLY A 255 -14.79 0.45 14.13
N ASP A 256 -15.16 1.06 13.00
CA ASP A 256 -16.06 0.45 12.01
C ASP A 256 -15.36 -0.73 11.34
N THR A 257 -15.82 -1.92 11.67
CA THR A 257 -15.25 -3.17 11.16
C THR A 257 -16.25 -3.87 10.25
N GLY A 258 -15.87 -5.00 9.69
CA GLY A 258 -16.76 -5.75 8.79
C GLY A 258 -16.29 -5.69 7.34
N ILE A 259 -17.14 -6.16 6.43
CA ILE A 259 -16.77 -6.16 5.03
C ILE A 259 -17.16 -4.87 4.35
N ALA A 260 -16.16 -4.20 3.80
CA ALA A 260 -16.35 -2.91 3.13
C ALA A 260 -17.01 -3.03 1.77
N GLY A 261 -16.76 -4.13 1.09
CA GLY A 261 -17.33 -4.31 -0.23
C GLY A 261 -16.57 -5.36 -1.04
N TYR A 262 -16.84 -5.37 -2.35
CA TYR A 262 -16.23 -6.33 -3.27
C TYR A 262 -15.53 -5.66 -4.46
N MET A 263 -14.54 -6.35 -4.99
CA MET A 263 -13.79 -5.87 -6.13
C MET A 263 -13.73 -6.99 -7.16
N GLU A 264 -13.59 -6.62 -8.43
CA GLU A 264 -13.52 -7.58 -9.52
C GLU A 264 -12.22 -7.38 -10.31
N TYR A 265 -11.34 -8.38 -10.24
CA TYR A 265 -10.05 -8.29 -10.92
C TYR A 265 -10.20 -8.41 -12.44
N ASN A 266 -9.62 -7.46 -13.15
CA ASN A 266 -9.66 -7.45 -14.61
C ASN A 266 -8.43 -8.16 -15.15
N LYS A 267 -8.61 -9.39 -15.61
CA LYS A 267 -7.48 -10.19 -16.09
C LYS A 267 -6.78 -9.60 -17.31
N GLU A 268 -7.42 -8.63 -17.96
CA GLU A 268 -6.82 -7.99 -19.14
C GLU A 268 -6.06 -6.73 -18.82
N THR A 269 -6.53 -5.97 -17.84
CA THR A 269 -5.89 -4.72 -17.46
C THR A 269 -5.07 -4.84 -16.19
N GLY A 270 -5.36 -5.86 -15.38
CA GLY A 270 -4.62 -6.11 -14.13
C GLY A 270 -5.12 -5.22 -13.00
N TRP A 271 -6.18 -4.46 -13.27
CA TRP A 271 -6.75 -3.57 -12.26
C TRP A 271 -7.88 -4.25 -11.50
N LEU A 272 -7.94 -3.98 -10.19
CA LEU A 272 -9.01 -4.50 -9.37
C LEU A 272 -10.13 -3.49 -9.51
N GLU A 273 -11.30 -3.93 -9.96
CA GLU A 273 -12.41 -2.98 -10.18
C GLU A 273 -13.53 -3.08 -9.15
N PRO A 274 -14.26 -2.00 -8.98
CA PRO A 274 -15.35 -2.01 -8.00
C PRO A 274 -16.46 -2.91 -8.58
N SER A 275 -17.12 -3.63 -7.68
CA SER A 275 -18.13 -4.59 -8.07
C SER A 275 -19.55 -4.24 -7.69
N SER A 276 -20.45 -4.97 -8.33
CA SER A 276 -21.89 -4.82 -8.12
C SER A 276 -22.47 -6.02 -7.35
N TYR A 277 -21.63 -6.74 -6.59
CA TYR A 277 -22.06 -7.92 -5.85
C TYR A 277 -23.30 -7.70 -4.97
#